data_4M5I
#
_entry.id   4M5I
#
_cell.length_a   35.918
_cell.length_b   58.147
_cell.length_c   38.443
_cell.angle_alpha   90.00
_cell.angle_beta   115.63
_cell.angle_gamma   90.00
#
_symmetry.space_group_name_H-M   'P 1 21 1'
#
loop_
_entity.id
_entity.type
_entity.pdbx_description
1 polymer '2-amino-4-hydroxy-6-hydroxymethyldihydropteridine pyrophosphokinase'
2 non-polymer 'CALCIUM ION'
3 non-polymer 'DIPHOSPHOMETHYLPHOSPHONIC ACID ADENOSYL ESTER'
4 non-polymer 2-amino-8-{[2-(4-methylphenyl)-2-oxoethyl]sulfanyl}-1,7-dihydro-6H-purin-6-one
5 non-polymer 'CHLORIDE ION'
6 water water
#
_entity_poly.entity_id   1
_entity_poly.type   'polypeptide(L)'
_entity_poly.pdbx_seq_one_letter_code
;GSHMTVAYIAIGSNLASPLEQVNAALKALGDIPESHILTVSSFYRTPPLGPQDQPDYLNAAVALETSLAPEELLNHTQRI
ELQQGRVRKAERWGPRTLDLDIMLFGNEVINTERLTVPHYDMKNRGFMLWPLFEIAPELVFPDGEMLRQILHTRAFDKLN
KW
;
_entity_poly.pdbx_strand_id   A
#
loop_
_chem_comp.id
_chem_comp.type
_chem_comp.name
_chem_comp.formula
APC non-polymer 'DIPHOSPHOMETHYLPHOSPHONIC ACID ADENOSYL ESTER' 'C11 H18 N5 O12 P3'
CA non-polymer 'CALCIUM ION' 'Ca 2'
CL non-polymer 'CHLORIDE ION' 'Cl -1'
YH6 non-polymer 2-amino-8-{[2-(4-methylphenyl)-2-oxoethyl]sulfanyl}-1,7-dihydro-6H-purin-6-one 'C14 H13 N5 O2 S'
#
# COMPACT_ATOMS: atom_id res chain seq x y z
N MET A 4 -16.93 -11.50 2.94
CA MET A 4 -15.86 -10.70 2.33
C MET A 4 -15.47 -9.53 3.23
N THR A 5 -14.21 -9.15 3.15
CA THR A 5 -13.66 -7.99 3.84
C THR A 5 -12.95 -7.16 2.80
N VAL A 6 -12.93 -5.84 2.96
CA VAL A 6 -12.12 -5.02 2.07
C VAL A 6 -10.76 -4.73 2.71
N ALA A 7 -9.72 -5.17 2.03
CA ALA A 7 -8.35 -4.85 2.41
C ALA A 7 -7.87 -3.68 1.55
N TYR A 8 -7.06 -2.84 2.16
CA TYR A 8 -6.49 -1.72 1.43
C TYR A 8 -4.99 -1.92 1.42
N ILE A 9 -4.43 -1.94 0.21
CA ILE A 9 -3.03 -2.25 0.00
C ILE A 9 -2.32 -1.04 -0.59
N ALA A 10 -1.21 -0.67 0.01
CA ALA A 10 -0.35 0.37 -0.52
C ALA A 10 0.65 -0.25 -1.47
N ILE A 11 0.88 0.43 -2.59
CA ILE A 11 1.84 0.00 -3.59
C ILE A 11 2.93 1.04 -3.71
N GLY A 12 4.18 0.58 -3.72
CA GLY A 12 5.31 1.45 -3.99
C GLY A 12 6.31 0.75 -4.90
N SER A 13 6.98 1.54 -5.73
CA SER A 13 8.06 1.04 -6.57
C SER A 13 8.96 2.22 -6.92
N ASN A 14 10.27 2.02 -6.85
CA ASN A 14 11.18 3.04 -7.35
C ASN A 14 12.36 2.48 -8.12
N LEU A 15 12.27 1.23 -8.58
CA LEU A 15 13.32 0.60 -9.37
C LEU A 15 12.71 -0.14 -10.56
N ALA A 16 13.52 -0.27 -11.62
CA ALA A 16 13.20 -1.13 -12.76
C ALA A 16 11.87 -0.80 -13.43
N SER A 17 11.69 0.48 -13.74
CA SER A 17 10.50 1.01 -14.41
C SER A 17 9.25 0.88 -13.55
N PRO A 18 9.10 1.79 -12.57
CA PRO A 18 7.98 1.68 -11.62
C PRO A 18 6.60 1.58 -12.29
N LEU A 19 6.35 2.25 -13.40
CA LEU A 19 5.04 2.11 -14.03
C LEU A 19 4.78 0.67 -14.49
N GLU A 20 5.80 0.05 -15.08
CA GLU A 20 5.69 -1.35 -15.48
C GLU A 20 5.51 -2.27 -14.27
N GLN A 21 6.24 -1.98 -13.18
CA GLN A 21 6.12 -2.80 -11.98
C GLN A 21 4.72 -2.72 -11.39
N VAL A 22 4.19 -1.52 -11.32
CA VAL A 22 2.88 -1.32 -10.70
C VAL A 22 1.76 -1.91 -11.57
N ASN A 23 1.84 -1.73 -12.88
CA ASN A 23 0.86 -2.37 -13.76
C ASN A 23 0.89 -3.90 -13.63
N ALA A 24 2.08 -4.48 -13.61
CA ALA A 24 2.20 -5.92 -13.44
C ALA A 24 1.64 -6.35 -12.07
N ALA A 25 1.89 -5.54 -11.05
CA ALA A 25 1.40 -5.86 -9.71
C ALA A 25 -0.12 -5.85 -9.67
N LEU A 26 -0.73 -4.90 -10.36
CA LEU A 26 -2.19 -4.83 -10.40
C LEU A 26 -2.79 -6.05 -11.07
N LYS A 27 -2.16 -6.53 -12.14
CA LYS A 27 -2.63 -7.76 -12.77
C LYS A 27 -2.50 -8.93 -11.80
N ALA A 28 -1.37 -8.99 -11.11
CA ALA A 28 -1.14 -10.07 -10.17
C ALA A 28 -2.11 -10.03 -8.98
N LEU A 29 -2.39 -8.83 -8.49
CA LEU A 29 -3.38 -8.68 -7.41
C LEU A 29 -4.75 -9.21 -7.84
N GLY A 30 -5.12 -8.96 -9.10
CA GLY A 30 -6.37 -9.48 -9.62
C GLY A 30 -6.42 -11.01 -9.59
N ASP A 31 -5.26 -11.62 -9.80
CA ASP A 31 -5.15 -13.07 -9.85
C ASP A 31 -5.05 -13.74 -8.48
N ILE A 32 -5.04 -12.96 -7.40
CA ILE A 32 -5.10 -13.54 -6.06
C ILE A 32 -6.45 -14.21 -5.91
N PRO A 33 -6.47 -15.46 -5.40
CA PRO A 33 -7.74 -16.18 -5.23
C PRO A 33 -8.61 -15.58 -4.11
N GLU A 34 -9.91 -15.86 -4.20
CA GLU A 34 -10.90 -15.41 -3.22
C GLU A 34 -10.89 -13.90 -3.06
N SER A 35 -10.51 -13.20 -4.12
CA SER A 35 -10.26 -11.76 -4.02
C SER A 35 -10.60 -11.04 -5.32
N HIS A 36 -11.04 -9.79 -5.21
CA HIS A 36 -11.37 -8.96 -6.37
C HIS A 36 -10.93 -7.54 -6.10
N ILE A 37 -10.28 -6.90 -7.08
CA ILE A 37 -9.97 -5.48 -6.98
C ILE A 37 -11.26 -4.67 -7.15
N LEU A 38 -11.52 -3.78 -6.20
CA LEU A 38 -12.66 -2.87 -6.27
C LEU A 38 -12.28 -1.52 -6.84
N THR A 39 -11.09 -1.00 -6.50
CA THR A 39 -10.76 0.38 -6.84
C THR A 39 -9.26 0.51 -6.89
N VAL A 40 -8.77 1.28 -7.86
CA VAL A 40 -7.36 1.61 -7.97
C VAL A 40 -7.23 3.13 -7.93
N SER A 41 -6.31 3.63 -7.11
CA SER A 41 -6.07 5.06 -7.04
C SER A 41 -5.33 5.55 -8.28
N SER A 42 -5.19 6.87 -8.38
CA SER A 42 -4.22 7.42 -9.30
C SER A 42 -2.81 6.98 -8.89
N PHE A 43 -1.87 7.12 -9.81
CA PHE A 43 -0.47 6.87 -9.53
C PHE A 43 0.17 8.22 -9.19
N TYR A 44 0.99 8.24 -8.14
CA TYR A 44 1.63 9.45 -7.64
C TYR A 44 3.14 9.31 -7.67
N ARG A 45 3.84 10.39 -8.01
CA ARG A 45 5.30 10.44 -7.99
C ARG A 45 5.72 11.17 -6.73
N THR A 46 6.34 10.46 -5.80
CA THR A 46 6.54 10.99 -4.46
C THR A 46 8.02 10.99 -4.08
N PRO A 47 8.47 12.05 -3.39
CA PRO A 47 9.87 12.08 -2.95
C PRO A 47 10.09 11.06 -1.83
N PRO A 48 11.27 10.46 -1.77
CA PRO A 48 11.50 9.39 -0.80
C PRO A 48 11.53 9.88 0.65
N LEU A 49 10.84 9.15 1.51
CA LEU A 49 10.94 9.28 2.95
C LEU A 49 11.96 8.29 3.48
N GLY A 50 12.65 8.63 4.56
CA GLY A 50 13.74 7.82 5.05
C GLY A 50 15.00 8.23 4.31
N PRO A 51 15.79 7.26 3.84
CA PRO A 51 16.95 7.63 3.03
C PRO A 51 16.51 8.31 1.73
N GLN A 52 17.20 9.38 1.39
CA GLN A 52 16.80 10.20 0.26
C GLN A 52 17.67 9.98 -0.97
N ASP A 53 18.73 9.19 -0.83
CA ASP A 53 19.61 8.89 -1.95
C ASP A 53 19.09 7.69 -2.74
N GLN A 54 17.88 7.85 -3.27
CA GLN A 54 17.23 6.84 -4.09
C GLN A 54 16.22 7.56 -4.98
N PRO A 55 15.77 6.90 -6.06
CA PRO A 55 14.81 7.56 -6.95
C PRO A 55 13.45 7.80 -6.29
N ASP A 56 12.70 8.74 -6.86
CA ASP A 56 11.34 8.97 -6.43
C ASP A 56 10.49 7.71 -6.61
N TYR A 57 9.47 7.59 -5.77
CA TYR A 57 8.57 6.46 -5.81
C TYR A 57 7.35 6.70 -6.69
N LEU A 58 6.84 5.63 -7.28
CA LEU A 58 5.45 5.60 -7.71
C LEU A 58 4.69 4.98 -6.54
N ASN A 59 3.74 5.72 -6.00
CA ASN A 59 2.85 5.22 -4.96
C ASN A 59 1.39 5.20 -5.41
N ALA A 60 0.66 4.20 -4.92
CA ALA A 60 -0.75 4.05 -5.22
C ALA A 60 -1.38 3.26 -4.10
N ALA A 61 -2.70 3.14 -4.15
CA ALA A 61 -3.44 2.31 -3.23
C ALA A 61 -4.51 1.55 -3.99
N VAL A 62 -4.84 0.37 -3.49
CA VAL A 62 -5.85 -0.49 -4.08
CA VAL A 62 -5.89 -0.45 -4.07
C VAL A 62 -6.79 -1.00 -2.98
N ALA A 63 -8.08 -1.04 -3.30
CA ALA A 63 -9.06 -1.71 -2.46
C ALA A 63 -9.28 -3.10 -3.05
N LEU A 64 -9.07 -4.12 -2.22
CA LEU A 64 -9.18 -5.52 -2.62
C LEU A 64 -10.19 -6.21 -1.71
N GLU A 65 -11.33 -6.60 -2.27
CA GLU A 65 -12.30 -7.37 -1.51
C GLU A 65 -11.80 -8.81 -1.44
N THR A 66 -11.85 -9.42 -0.27
CA THR A 66 -11.27 -10.75 -0.12
C THR A 66 -11.96 -11.59 0.95
N SER A 67 -11.96 -12.90 0.73
CA SER A 67 -12.35 -13.82 1.78
C SER A 67 -11.15 -14.62 2.29
N LEU A 68 -9.94 -14.24 1.88
CA LEU A 68 -8.74 -14.84 2.44
C LEU A 68 -8.54 -14.43 3.88
N ALA A 69 -7.87 -15.28 4.65
CA ALA A 69 -7.34 -14.88 5.95
C ALA A 69 -6.28 -13.80 5.73
N PRO A 70 -6.11 -12.90 6.70
CA PRO A 70 -5.11 -11.84 6.52
C PRO A 70 -3.69 -12.34 6.20
N GLU A 71 -3.22 -13.38 6.88
CA GLU A 71 -1.89 -13.88 6.57
C GLU A 71 -1.83 -14.61 5.24
N GLU A 72 -2.96 -15.15 4.79
CA GLU A 72 -3.00 -15.73 3.46
C GLU A 72 -2.90 -14.64 2.40
N LEU A 73 -3.52 -13.49 2.63
CA LEU A 73 -3.32 -12.36 1.74
C LEU A 73 -1.84 -11.94 1.71
N LEU A 74 -1.22 -11.86 2.88
CA LEU A 74 0.20 -11.54 2.97
C LEU A 74 1.05 -12.54 2.17
N ASN A 75 0.70 -13.82 2.23
CA ASN A 75 1.41 -14.83 1.46
C ASN A 75 1.47 -14.45 0.00
N HIS A 76 0.32 -14.03 -0.53
CA HIS A 76 0.22 -13.65 -1.93
C HIS A 76 0.97 -12.36 -2.25
N THR A 77 0.85 -11.35 -1.39
CA THR A 77 1.52 -10.09 -1.69
C THR A 77 3.05 -10.27 -1.65
N GLN A 78 3.56 -11.05 -0.70
CA GLN A 78 4.99 -11.35 -0.66
C GLN A 78 5.44 -12.13 -1.89
N ARG A 79 4.64 -13.11 -2.30
CA ARG A 79 4.94 -13.87 -3.51
C ARG A 79 5.07 -12.94 -4.71
N ILE A 80 4.12 -12.02 -4.86
CA ILE A 80 4.13 -11.10 -5.99
C ILE A 80 5.39 -10.23 -5.98
N GLU A 81 5.75 -9.69 -4.82
CA GLU A 81 6.97 -8.90 -4.70
C GLU A 81 8.19 -9.71 -5.14
N LEU A 82 8.30 -10.93 -4.64
CA LEU A 82 9.45 -11.77 -4.97
C LEU A 82 9.47 -12.14 -6.45
N GLN A 83 8.29 -12.41 -7.01
CA GLN A 83 8.20 -12.77 -8.43
C GLN A 83 8.49 -11.58 -9.34
N GLN A 84 8.36 -10.37 -8.81
CA GLN A 84 8.74 -9.14 -9.53
C GLN A 84 10.14 -8.65 -9.16
N GLY A 85 10.95 -9.58 -8.66
CA GLY A 85 12.37 -9.35 -8.58
C GLY A 85 12.83 -8.59 -7.36
N ARG A 86 11.98 -8.47 -6.35
CA ARG A 86 12.42 -7.80 -5.13
C ARG A 86 13.54 -8.56 -4.46
N VAL A 87 14.64 -7.85 -4.20
CA VAL A 87 15.83 -8.40 -3.59
C VAL A 87 16.08 -7.68 -2.28
N ARG A 88 16.41 -8.45 -1.25
CA ARG A 88 16.71 -7.88 0.06
C ARG A 88 18.17 -7.50 0.15
N LYS A 89 18.43 -6.22 0.40
CA LYS A 89 19.78 -5.74 0.67
C LYS A 89 19.89 -5.36 2.14
N ALA A 90 21.10 -5.03 2.56
CA ALA A 90 21.38 -4.73 3.97
C ALA A 90 20.80 -3.39 4.42
N GLU A 91 20.88 -2.37 3.56
CA GLU A 91 20.46 -1.03 3.96
C GLU A 91 18.98 -0.95 4.33
N ARG A 92 18.71 -0.32 5.46
CA ARG A 92 17.35 -0.10 5.91
C ARG A 92 16.61 0.85 4.95
N TRP A 93 15.40 0.47 4.56
CA TRP A 93 14.51 1.35 3.77
C TRP A 93 15.09 1.80 2.44
N GLY A 94 15.76 0.87 1.77
CA GLY A 94 16.34 1.15 0.47
C GLY A 94 15.35 0.98 -0.66
N PRO A 95 15.82 1.24 -1.89
CA PRO A 95 14.93 1.14 -3.05
C PRO A 95 14.49 -0.28 -3.32
N ARG A 96 13.36 -0.43 -4.01
CA ARG A 96 12.82 -1.75 -4.33
C ARG A 96 11.96 -1.72 -5.58
N THR A 97 11.93 -2.85 -6.26
CA THR A 97 11.10 -3.01 -7.45
C THR A 97 9.61 -2.94 -7.14
N LEU A 98 9.20 -3.51 -6.01
CA LEU A 98 7.80 -3.54 -5.63
C LEU A 98 7.67 -3.74 -4.14
N ASP A 99 6.79 -2.93 -3.53
CA ASP A 99 6.43 -3.04 -2.13
C ASP A 99 4.93 -3.03 -2.04
N LEU A 100 4.38 -4.07 -1.43
CA LEU A 100 2.94 -4.21 -1.20
C LEU A 100 2.71 -4.29 0.29
N ASP A 101 2.25 -3.19 0.89
CA ASP A 101 1.97 -3.13 2.31
C ASP A 101 0.48 -3.27 2.54
N ILE A 102 0.07 -4.15 3.46
CA ILE A 102 -1.33 -4.25 3.82
C ILE A 102 -1.60 -3.14 4.82
N MET A 103 -2.30 -2.09 4.39
CA MET A 103 -2.59 -0.97 5.27
C MET A 103 -3.68 -1.32 6.29
N LEU A 104 -4.77 -1.86 5.76
CA LEU A 104 -5.96 -2.16 6.55
C LEU A 104 -6.56 -3.45 6.05
N PHE A 105 -7.17 -4.20 6.96
CA PHE A 105 -7.89 -5.40 6.61
C PHE A 105 -9.25 -5.29 7.29
N GLY A 106 -10.20 -4.70 6.57
CA GLY A 106 -11.46 -4.28 7.17
C GLY A 106 -11.19 -3.45 8.42
N ASN A 107 -11.96 -3.73 9.47
CA ASN A 107 -11.80 -3.06 10.75
C ASN A 107 -10.91 -3.86 11.70
N GLU A 108 -10.21 -4.88 11.17
CA GLU A 108 -9.44 -5.79 12.02
C GLU A 108 -8.15 -5.19 12.55
N VAL A 109 -7.80 -5.60 13.77
CA VAL A 109 -6.51 -5.28 14.36
C VAL A 109 -5.77 -6.60 14.49
N ILE A 110 -4.66 -6.69 13.78
CA ILE A 110 -3.91 -7.94 13.65
C ILE A 110 -2.49 -7.72 14.14
N ASN A 111 -2.05 -8.61 15.02
CA ASN A 111 -0.70 -8.58 15.53
C ASN A 111 -0.16 -10.00 15.59
N THR A 112 0.39 -10.48 14.48
CA THR A 112 1.02 -11.79 14.45
C THR A 112 2.52 -11.60 14.23
N GLU A 113 3.27 -12.70 14.19
CA GLU A 113 4.70 -12.59 13.95
C GLU A 113 4.99 -11.96 12.58
N ARG A 114 4.16 -12.26 11.59
CA ARG A 114 4.42 -11.79 10.23
C ARG A 114 3.65 -10.55 9.81
N LEU A 115 2.59 -10.22 10.55
CA LEU A 115 1.64 -9.23 10.06
C LEU A 115 1.16 -8.31 11.18
N THR A 116 1.31 -7.00 10.97
CA THR A 116 0.80 -5.97 11.85
C THR A 116 -0.11 -5.04 11.06
N VAL A 117 -1.40 -5.02 11.42
CA VAL A 117 -2.41 -4.23 10.73
C VAL A 117 -3.28 -3.57 11.80
N PRO A 118 -3.59 -2.26 11.66
CA PRO A 118 -3.18 -1.32 10.61
C PRO A 118 -1.67 -1.19 10.51
N HIS A 119 -1.21 -0.88 9.30
CA HIS A 119 0.21 -0.61 9.11
C HIS A 119 0.67 0.41 10.15
N TYR A 120 1.79 0.11 10.79
CA TYR A 120 2.21 0.82 12.00
C TYR A 120 2.44 2.32 11.84
N ASP A 121 2.72 2.78 10.62
CA ASP A 121 3.09 4.18 10.42
C ASP A 121 2.22 4.88 9.37
N MET A 122 1.18 4.22 8.90
CA MET A 122 0.42 4.78 7.78
C MET A 122 -0.19 6.15 8.08
N LYS A 123 -0.58 6.40 9.34
CA LYS A 123 -1.21 7.66 9.69
C LYS A 123 -0.24 8.83 9.66
N ASN A 124 1.04 8.54 9.44
CA ASN A 124 2.08 9.56 9.35
C ASN A 124 2.68 9.71 7.96
N ARG A 125 2.05 9.10 6.96
CA ARG A 125 2.62 9.06 5.62
C ARG A 125 1.63 9.54 4.56
N GLY A 126 1.86 10.73 4.03
CA GLY A 126 0.99 11.27 2.99
C GLY A 126 0.90 10.37 1.78
N PHE A 127 2.00 9.70 1.44
CA PHE A 127 2.01 8.83 0.26
C PHE A 127 1.13 7.59 0.40
N MET A 128 0.73 7.28 1.64
CA MET A 128 -0.28 6.25 1.90
C MET A 128 -1.66 6.85 2.03
N LEU A 129 -1.78 7.92 2.81
CA LEU A 129 -3.11 8.46 3.12
C LEU A 129 -3.81 9.13 1.95
N TRP A 130 -3.08 9.88 1.13
CA TRP A 130 -3.73 10.57 0.02
C TRP A 130 -4.32 9.59 -1.02
N PRO A 131 -3.56 8.58 -1.47
CA PRO A 131 -4.17 7.64 -2.42
C PRO A 131 -5.31 6.86 -1.77
N LEU A 132 -5.19 6.56 -0.47
CA LEU A 132 -6.28 5.91 0.25
C LEU A 132 -7.56 6.78 0.25
N PHE A 133 -7.40 8.07 0.49
CA PHE A 133 -8.54 8.98 0.50
C PHE A 133 -9.18 9.09 -0.87
N GLU A 134 -8.38 8.99 -1.93
CA GLU A 134 -8.92 9.03 -3.28
C GLU A 134 -9.88 7.87 -3.53
N ILE A 135 -9.57 6.70 -2.99
CA ILE A 135 -10.40 5.53 -3.23
C ILE A 135 -11.42 5.23 -2.14
N ALA A 136 -11.24 5.81 -0.95
CA ALA A 136 -12.10 5.52 0.19
C ALA A 136 -12.23 6.76 1.07
N PRO A 137 -12.87 7.82 0.54
CA PRO A 137 -12.92 9.07 1.31
C PRO A 137 -13.70 8.96 2.61
N GLU A 138 -14.57 7.98 2.74
CA GLU A 138 -15.39 7.79 3.94
C GLU A 138 -14.73 6.92 5.00
N LEU A 139 -13.48 6.52 4.78
CA LEU A 139 -12.85 5.54 5.63
C LEU A 139 -12.73 5.95 7.08
N VAL A 140 -13.03 5.00 7.96
CA VAL A 140 -12.83 5.11 9.39
C VAL A 140 -11.88 3.99 9.81
N PHE A 141 -10.87 4.34 10.60
CA PHE A 141 -9.89 3.39 11.12
C PHE A 141 -10.48 2.54 12.25
N PRO A 142 -9.82 1.42 12.59
CA PRO A 142 -10.34 0.58 13.68
C PRO A 142 -10.49 1.32 15.01
N ASP A 143 -9.68 2.35 15.24
CA ASP A 143 -9.77 3.12 16.47
C ASP A 143 -10.77 4.28 16.39
N GLY A 144 -11.57 4.31 15.33
CA GLY A 144 -12.58 5.35 15.17
C GLY A 144 -12.11 6.62 14.52
N GLU A 145 -10.80 6.76 14.28
CA GLU A 145 -10.31 7.98 13.65
C GLU A 145 -10.76 8.04 12.20
N MET A 146 -11.18 9.21 11.74
CA MET A 146 -11.61 9.36 10.36
C MET A 146 -10.48 9.81 9.46
N LEU A 147 -10.34 9.14 8.33
CA LEU A 147 -9.33 9.52 7.35
C LEU A 147 -9.46 11.00 6.95
N ARG A 148 -10.70 11.45 6.71
CA ARG A 148 -10.90 12.84 6.32
C ARG A 148 -10.40 13.82 7.38
N GLN A 149 -10.55 13.44 8.65
CA GLN A 149 -10.18 14.34 9.73
C GLN A 149 -8.66 14.42 9.87
N ILE A 150 -7.98 13.29 9.70
CA ILE A 150 -6.52 13.29 9.69
C ILE A 150 -5.99 14.20 8.59
N LEU A 151 -6.52 14.05 7.38
CA LEU A 151 -6.04 14.83 6.25
C LEU A 151 -6.45 16.31 6.34
N HIS A 152 -7.52 16.61 7.07
CA HIS A 152 -7.92 17.99 7.26
C HIS A 152 -6.99 18.70 8.25
N THR A 153 -6.59 17.96 9.28
CA THR A 153 -5.93 18.52 10.45
C THR A 153 -4.41 18.53 10.36
N ARG A 154 -3.84 17.48 9.80
CA ARG A 154 -2.40 17.32 9.87
C ARG A 154 -1.70 17.76 8.60
N ALA A 155 -0.52 18.35 8.78
CA ALA A 155 0.24 18.86 7.65
C ALA A 155 0.87 17.70 6.88
N PHE A 156 0.46 17.59 5.62
CA PHE A 156 1.09 16.69 4.66
C PHE A 156 1.26 17.48 3.37
N ASP A 157 2.36 17.26 2.67
CA ASP A 157 2.52 17.83 1.35
C ASP A 157 1.50 17.22 0.40
N LYS A 158 1.02 18.01 -0.56
CA LYS A 158 0.15 17.48 -1.59
C LYS A 158 0.95 16.51 -2.44
N LEU A 159 0.29 15.49 -2.95
CA LEU A 159 0.96 14.55 -3.84
C LEU A 159 0.79 15.01 -5.26
N ASN A 160 1.83 14.83 -6.05
CA ASN A 160 1.73 15.07 -7.46
C ASN A 160 1.48 13.75 -8.17
N LYS A 161 0.59 13.76 -9.14
CA LYS A 161 0.34 12.55 -9.91
C LYS A 161 1.53 12.24 -10.82
N TRP A 162 1.73 10.95 -11.08
CA TRP A 162 2.84 10.43 -11.90
C TRP A 162 2.74 10.99 -13.31
CA CA B . 6.72 -3.68 2.83
CA CA C . 6.54 0.09 2.90
CA CA D . -9.00 -12.83 -7.83
PG APC E . 7.72 0.06 6.22
O1G APC E . 8.33 1.07 7.18
O2G APC E . 6.79 0.63 5.18
O3G APC E . 7.14 -1.14 6.91
PB APC E . 9.12 -1.69 4.39
O1B APC E . 7.84 -1.77 3.64
O2B APC E . 10.36 -1.43 3.44
O3B APC E . 9.03 -0.46 5.43
PA APC E . 9.55 -4.67 4.45
O1A APC E . 8.87 -4.54 3.16
O2A APC E . 11.10 -5.01 4.36
C3A APC E . 9.35 -3.17 5.42
O5' APC E . 8.75 -5.86 5.17
C5' APC E . 9.28 -6.58 6.26
C4' APC E . 8.19 -7.46 6.85
O4' APC E . 7.03 -6.72 7.26
C3' APC E . 7.57 -8.52 5.94
O3' APC E . 8.44 -9.63 5.76
C2' APC E . 6.25 -8.86 6.64
O2' APC E . 6.32 -10.10 7.36
C1' APC E . 6.10 -7.74 7.65
N9 APC E . 4.81 -7.05 7.76
C8 APC E . 4.26 -6.70 8.94
N7 APC E . 3.10 -6.03 8.80
C5 APC E . 2.93 -5.93 7.48
C6 APC E . 1.90 -5.31 6.64
N6 APC E . 0.86 -4.67 7.21
N1 APC E . 2.05 -5.40 5.31
C2 APC E . 3.10 -6.04 4.76
N3 APC E . 4.09 -6.63 5.43
C4 APC E . 4.03 -6.59 6.77
O07 YH6 F . 6.65 3.86 -0.77
C06 YH6 F . 7.45 4.88 -0.38
N01 YH6 F . 7.27 6.11 -0.87
C02 YH6 F . 8.03 7.15 -0.51
N08 YH6 F . 7.75 8.39 -1.09
N03 YH6 F . 9.03 7.07 0.36
C04 YH6 F . 9.25 5.83 0.89
C05 YH6 F . 8.49 4.73 0.56
N11 YH6 F . 8.97 3.65 1.28
N09 YH6 F . 10.16 5.44 1.81
C10 YH6 F . 9.98 4.14 2.01
S12 YH6 F . 10.90 3.22 3.16
C13 YH6 F . 9.86 3.40 4.59
C14 YH6 F . 9.12 4.69 4.82
O16 YH6 F . 8.12 4.95 4.15
C15 YH6 F . 9.54 5.69 5.87
C17 YH6 F . 8.64 6.67 6.23
C18 YH6 F . 8.97 7.62 7.20
C19 YH6 F . 10.22 7.58 7.79
C22 YH6 F . 10.57 8.60 8.82
C20 YH6 F . 11.13 6.60 7.42
C21 YH6 F . 10.80 5.65 6.46
CL CL G . -7.46 -18.01 3.62
#